data_6FM0
#
_entry.id   6FM0
#
_cell.length_a   158.860
_cell.length_b   60.410
_cell.length_c   91.030
_cell.angle_alpha   90.00
_cell.angle_beta   114.76
_cell.angle_gamma   90.00
#
_symmetry.space_group_name_H-M   'C 1 2 1'
#
loop_
_entity.id
_entity.type
_entity.pdbx_description
1 polymer 'Adenylosuccinate synthetase'
2 non-polymer "ADENOSINE-5'-TRIPHOSPHATE"
3 water water
#
_entity_poly.entity_id   1
_entity_poly.type   'polypeptide(L)'
_entity_poly.pdbx_seq_one_letter_code
;MGSSHHHHHHSSGLVPRGSHMENVDLVIDLQFGSTGKGLIAGYLAEKNGYDTVINANMPNAGHTYINAEGRKWMHKVLPN
GIVSPNLKRVMLGAGSVFSINRLMEEIEMSKDLLHDKVAILIHPMATVLDEEAHKKAEVGIATSIGSTGQGSMAAMVEKL
QRDPTNNTIVARDVAQYDGRIAQYVCTVEEWDMALMASERILAEGAQGFSLSLNQEFYPYCTSRDCTPARFLADMGIPLP
MLNKVIGTARCHPIRVGGTSGGHYPDQEELTWEQLGQVPELTTVTKKVRRVFSFSFIQMQKAMWTCQPDEVFLNFCNYLS
PMGWQDIVHQIEVAAQSRYCDAEVKYLGFGPTFNDVELREDVM
;
_entity_poly.pdbx_strand_id   A,B
#
loop_
_chem_comp.id
_chem_comp.type
_chem_comp.name
_chem_comp.formula
ATP non-polymer ADENOSINE-5'-TRIPHOSPHATE 'C10 H16 N5 O13 P3'
#
# COMPACT_ATOMS: atom_id res chain seq x y z
N GLU A 22 8.09 11.03 37.66
CA GLU A 22 7.47 10.90 36.35
C GLU A 22 8.47 10.32 35.33
N ASN A 23 8.54 9.00 35.25
CA ASN A 23 9.59 8.38 34.44
C ASN A 23 9.08 7.24 33.58
N VAL A 24 7.77 7.10 33.43
CA VAL A 24 7.18 6.05 32.61
C VAL A 24 6.64 6.66 31.32
N ASP A 25 7.11 6.15 30.18
CA ASP A 25 6.56 6.45 28.86
C ASP A 25 5.66 5.28 28.50
N LEU A 26 4.40 5.57 28.20
CA LEU A 26 3.40 4.52 28.00
C LEU A 26 2.94 4.58 26.55
N VAL A 27 3.11 3.48 25.83
CA VAL A 27 2.77 3.41 24.40
C VAL A 27 1.41 2.74 24.26
N ILE A 28 0.47 3.42 23.58
CA ILE A 28 -0.88 2.89 23.42
C ILE A 28 -1.33 3.05 21.97
N ASP A 29 -2.45 2.40 21.65
CA ASP A 29 -2.98 2.34 20.30
C ASP A 29 -4.33 3.07 20.29
N LEU A 30 -4.48 4.05 19.38
CA LEU A 30 -5.63 4.94 19.44
C LEU A 30 -6.81 4.49 18.59
N GLN A 31 -6.74 3.34 17.92
CA GLN A 31 -7.83 2.96 17.04
C GLN A 31 -8.33 1.55 17.36
N PHE A 32 -8.37 0.64 16.39
CA PHE A 32 -8.84 -0.72 16.61
C PHE A 32 -7.70 -1.69 16.83
N GLY A 33 -6.52 -1.16 17.07
CA GLY A 33 -5.35 -1.98 17.17
C GLY A 33 -4.63 -2.09 15.84
N SER A 34 -3.56 -2.84 15.93
CA SER A 34 -2.81 -3.32 14.79
C SER A 34 -2.32 -2.10 13.99
N THR A 35 -1.71 -1.15 14.74
CA THR A 35 -1.12 0.11 14.30
C THR A 35 0.41 0.10 14.24
N GLY A 36 1.06 -1.03 14.52
CA GLY A 36 2.51 -1.04 14.58
C GLY A 36 3.07 -0.42 15.84
N LYS A 37 2.37 -0.60 16.97
CA LYS A 37 2.87 -0.09 18.24
C LYS A 37 4.22 -0.69 18.59
N GLY A 38 4.46 -1.94 18.18
CA GLY A 38 5.75 -2.57 18.42
C GLY A 38 6.91 -1.82 17.78
N LEU A 39 6.69 -1.26 16.58
CA LEU A 39 7.73 -0.51 15.89
C LEU A 39 8.17 0.73 16.69
N ILE A 40 7.21 1.51 17.18
CA ILE A 40 7.61 2.71 17.92
C ILE A 40 8.16 2.33 19.28
N ALA A 41 7.72 1.20 19.83
CA ALA A 41 8.27 0.74 21.11
C ALA A 41 9.76 0.39 20.96
N GLY A 42 10.08 -0.38 19.92
CA GLY A 42 11.48 -0.65 19.63
C GLY A 42 12.26 0.62 19.33
N TYR A 43 11.69 1.51 18.52
CA TYR A 43 12.36 2.75 18.15
C TYR A 43 12.67 3.58 19.40
N LEU A 44 11.66 3.77 20.25
CA LEU A 44 11.84 4.54 21.47
C LEU A 44 12.86 3.89 22.39
N ALA A 45 12.83 2.56 22.48
CA ALA A 45 13.78 1.86 23.33
C ALA A 45 15.21 2.06 22.84
N GLU A 46 15.42 2.03 21.52
CA GLU A 46 16.74 2.34 20.98
C GLU A 46 17.13 3.79 21.23
N LYS A 47 16.19 4.71 21.07
CA LYS A 47 16.55 6.12 21.15
C LYS A 47 16.77 6.55 22.60
N ASN A 48 15.96 6.04 23.52
CA ASN A 48 15.96 6.53 24.89
C ASN A 48 16.61 5.60 25.89
N GLY A 49 16.79 4.33 25.56
CA GLY A 49 17.58 3.44 26.41
C GLY A 49 17.00 3.24 27.79
N TYR A 50 15.71 2.88 27.87
CA TYR A 50 15.09 2.57 29.16
C TYR A 50 15.78 1.39 29.82
N ASP A 51 15.88 1.42 31.15
CA ASP A 51 16.42 0.27 31.85
C ASP A 51 15.34 -0.73 32.23
N THR A 52 14.07 -0.34 32.18
CA THR A 52 12.99 -1.24 32.54
C THR A 52 11.95 -1.16 31.45
N VAL A 53 11.54 -2.31 30.95
CA VAL A 53 10.41 -2.41 30.01
C VAL A 53 9.37 -3.34 30.62
N ILE A 54 8.09 -3.00 30.43
CA ILE A 54 7.00 -3.64 31.15
C ILE A 54 5.77 -3.67 30.25
N ASN A 55 4.98 -4.73 30.39
CA ASN A 55 3.69 -4.81 29.73
C ASN A 55 2.76 -5.70 30.56
N ALA A 56 1.55 -5.90 30.04
CA ALA A 56 0.56 -6.79 30.61
C ALA A 56 -0.42 -7.23 29.52
N ASN A 57 0.09 -8.03 28.58
CA ASN A 57 -0.68 -8.43 27.42
C ASN A 57 -1.40 -9.76 27.65
N MET A 58 -2.54 -9.89 27.00
CA MET A 58 -3.23 -11.16 26.88
C MET A 58 -2.92 -11.74 25.52
N PRO A 59 -3.26 -13.01 25.27
CA PRO A 59 -2.91 -13.63 23.99
C PRO A 59 -3.35 -12.79 22.80
N ASN A 60 -2.44 -12.69 21.82
CA ASN A 60 -2.54 -11.75 20.72
C ASN A 60 -1.79 -12.32 19.53
N ALA A 61 -1.90 -11.66 18.39
CA ALA A 61 -1.22 -12.12 17.18
C ALA A 61 0.23 -11.64 17.10
N GLY A 62 0.73 -10.95 18.11
CA GLY A 62 2.14 -10.61 18.16
C GLY A 62 2.42 -9.17 17.77
N HIS A 63 3.49 -8.61 18.33
CA HIS A 63 3.92 -7.26 18.01
C HIS A 63 5.35 -7.31 17.48
N THR A 64 5.57 -6.66 16.34
CA THR A 64 6.79 -6.81 15.56
C THR A 64 7.61 -5.53 15.57
N TYR A 65 8.93 -5.69 15.79
CA TYR A 65 9.89 -4.62 15.63
C TYR A 65 11.05 -5.12 14.77
N ILE A 66 11.51 -4.27 13.85
CA ILE A 66 12.66 -4.58 12.99
C ILE A 66 13.68 -3.45 13.14
N ASN A 67 14.91 -3.79 13.50
CA ASN A 67 15.89 -2.77 13.85
C ASN A 67 16.62 -2.27 12.59
N ALA A 68 17.67 -1.47 12.80
CA ALA A 68 18.37 -0.87 11.68
C ALA A 68 19.10 -1.92 10.86
N GLU A 69 19.68 -2.93 11.51
CA GLU A 69 20.43 -3.97 10.82
C GLU A 69 19.54 -5.11 10.30
N GLY A 70 18.22 -5.02 10.47
CA GLY A 70 17.29 -5.95 9.85
C GLY A 70 16.77 -7.08 10.71
N ARG A 71 17.17 -7.15 11.99
CA ARG A 71 16.71 -8.21 12.87
C ARG A 71 15.25 -8.01 13.28
N LYS A 72 14.49 -9.10 13.28
CA LYS A 72 13.05 -9.07 13.50
C LYS A 72 12.69 -9.75 14.82
N TRP A 73 11.89 -9.07 15.63
CA TRP A 73 11.32 -9.61 16.87
C TRP A 73 9.82 -9.68 16.71
N MET A 74 9.25 -10.88 16.84
CA MET A 74 7.81 -11.10 16.75
C MET A 74 7.34 -11.57 18.12
N HIS A 75 6.82 -10.65 18.93
CA HIS A 75 6.57 -10.91 20.35
C HIS A 75 5.08 -10.93 20.67
N LYS A 76 4.65 -12.01 21.32
CA LYS A 76 3.33 -12.11 21.92
C LYS A 76 3.37 -12.00 23.44
N VAL A 77 4.55 -12.09 24.07
CA VAL A 77 4.66 -12.06 25.52
C VAL A 77 5.64 -10.98 25.96
N LEU A 78 6.88 -11.06 25.49
CA LEU A 78 7.89 -10.09 25.87
C LEU A 78 7.61 -8.74 25.21
N PRO A 79 7.92 -7.64 25.88
CA PRO A 79 7.81 -6.33 25.23
C PRO A 79 8.79 -6.25 24.07
N ASN A 80 8.48 -5.38 23.12
CA ASN A 80 9.45 -5.10 22.06
C ASN A 80 10.58 -4.23 22.56
N GLY A 81 10.39 -3.55 23.67
CA GLY A 81 11.43 -2.70 24.24
C GLY A 81 12.65 -3.42 24.76
N ILE A 82 12.71 -4.76 24.70
CA ILE A 82 13.92 -5.42 25.19
C ILE A 82 15.16 -5.04 24.40
N VAL A 83 14.99 -4.36 23.27
CA VAL A 83 16.16 -3.92 22.51
C VAL A 83 16.85 -2.70 23.12
N SER A 84 16.37 -2.19 24.24
CA SER A 84 17.04 -1.03 24.83
C SER A 84 18.49 -1.37 25.13
N PRO A 85 19.44 -0.51 24.78
CA PRO A 85 20.85 -0.80 25.08
C PRO A 85 21.19 -0.74 26.56
N ASN A 86 20.32 -0.19 27.41
CA ASN A 86 20.60 -0.14 28.83
C ASN A 86 19.58 -0.95 29.62
N LEU A 87 19.03 -1.97 28.97
CA LEU A 87 18.04 -2.85 29.59
C LEU A 87 18.60 -3.50 30.84
N LYS A 88 17.80 -3.48 31.91
CA LYS A 88 18.15 -4.14 33.17
C LYS A 88 17.03 -5.04 33.67
N ARG A 89 15.78 -4.67 33.39
CA ARG A 89 14.62 -5.37 33.90
C ARG A 89 13.57 -5.51 32.82
N VAL A 90 13.01 -6.70 32.67
CA VAL A 90 11.82 -6.93 31.87
C VAL A 90 10.72 -7.43 32.79
N MET A 91 9.55 -6.81 32.74
CA MET A 91 8.52 -7.02 33.76
C MET A 91 7.18 -7.32 33.10
N LEU A 92 6.63 -8.47 33.43
CA LEU A 92 5.36 -8.99 32.92
C LEU A 92 4.30 -8.83 34.01
N GLY A 93 3.37 -7.92 33.79
CA GLY A 93 2.49 -7.50 34.85
C GLY A 93 1.38 -8.48 35.21
N ALA A 94 0.67 -8.14 36.29
CA ALA A 94 -0.37 -8.99 36.84
C ALA A 94 -1.49 -9.24 35.86
N GLY A 95 -1.76 -8.30 34.93
CA GLY A 95 -2.76 -8.53 33.90
C GLY A 95 -2.31 -9.42 32.76
N SER A 96 -1.07 -9.90 32.78
CA SER A 96 -0.59 -10.78 31.72
C SER A 96 -1.36 -12.09 31.71
N VAL A 97 -1.67 -12.55 30.50
CA VAL A 97 -2.18 -13.90 30.24
C VAL A 97 -1.26 -14.49 29.17
N PHE A 98 -0.53 -15.56 29.51
CA PHE A 98 0.51 -16.01 28.59
C PHE A 98 0.71 -17.51 28.67
N SER A 99 1.18 -18.06 27.54
CA SER A 99 1.61 -19.45 27.45
C SER A 99 3.09 -19.54 27.84
N ILE A 100 3.40 -20.50 28.72
CA ILE A 100 4.78 -20.71 29.13
C ILE A 100 5.65 -21.15 27.96
N ASN A 101 5.13 -22.03 27.10
CA ASN A 101 5.88 -22.41 25.90
C ASN A 101 6.23 -21.19 25.06
N ARG A 102 5.25 -20.32 24.80
CA ARG A 102 5.54 -19.12 24.00
C ARG A 102 6.60 -18.26 24.68
N LEU A 103 6.47 -18.04 25.98
CA LEU A 103 7.44 -17.18 26.67
C LEU A 103 8.84 -17.75 26.58
N MET A 104 9.00 -19.04 26.81
CA MET A 104 10.36 -19.57 26.78
C MET A 104 10.94 -19.52 25.38
N GLU A 105 10.11 -19.69 24.35
CA GLU A 105 10.60 -19.56 22.98
C GLU A 105 11.09 -18.14 22.72
N GLU A 106 10.32 -17.15 23.16
CA GLU A 106 10.70 -15.75 22.91
C GLU A 106 11.95 -15.38 23.70
N ILE A 107 12.09 -15.90 24.93
CA ILE A 107 13.31 -15.61 25.69
C ILE A 107 14.53 -16.21 25.00
N GLU A 108 14.40 -17.42 24.53
CA GLU A 108 15.54 -18.06 23.88
C GLU A 108 15.96 -17.37 22.63
N MET A 109 15.02 -16.90 21.84
CA MET A 109 15.38 -16.24 20.60
C MET A 109 16.08 -14.90 20.83
N SER A 110 16.04 -14.35 22.05
CA SER A 110 16.78 -13.15 22.40
C SER A 110 17.73 -13.36 23.57
N LYS A 111 18.22 -14.60 23.75
CA LYS A 111 19.11 -14.87 24.88
C LYS A 111 20.35 -13.99 24.85
N ASP A 112 20.79 -13.60 23.64
CA ASP A 112 21.89 -12.66 23.51
C ASP A 112 21.55 -11.31 24.13
N LEU A 113 20.27 -10.97 24.22
CA LEU A 113 19.86 -9.74 24.90
C LEU A 113 19.52 -9.98 26.36
N LEU A 114 19.12 -11.20 26.69
CA LEU A 114 18.71 -11.55 28.04
C LEU A 114 19.82 -12.32 28.74
N HIS A 115 20.95 -11.63 28.82
CA HIS A 115 22.16 -12.23 29.36
C HIS A 115 22.07 -12.19 30.88
N ASP A 116 23.22 -12.32 31.53
CA ASP A 116 23.27 -12.34 32.97
C ASP A 116 22.98 -10.97 33.57
N LYS A 117 22.96 -9.92 32.77
CA LYS A 117 22.75 -8.57 33.26
C LYS A 117 21.29 -8.11 33.19
N VAL A 118 20.34 -8.97 32.81
CA VAL A 118 18.94 -8.57 32.69
C VAL A 118 18.06 -9.50 33.53
N ALA A 119 17.23 -8.92 34.38
CA ALA A 119 16.32 -9.63 35.25
C ALA A 119 14.94 -9.63 34.63
N ILE A 120 14.35 -10.82 34.49
CA ILE A 120 12.98 -10.95 34.01
C ILE A 120 12.12 -11.29 35.21
N LEU A 121 11.06 -10.51 35.42
CA LEU A 121 10.16 -10.65 36.56
C LEU A 121 8.73 -10.87 36.09
N ILE A 122 8.13 -11.97 36.53
CA ILE A 122 6.75 -12.31 36.19
C ILE A 122 5.91 -12.04 37.42
N HIS A 123 4.92 -11.15 37.30
CA HIS A 123 4.11 -10.80 38.47
C HIS A 123 3.47 -12.08 39.03
N PRO A 124 3.49 -12.26 40.35
CA PRO A 124 3.00 -13.54 40.89
C PRO A 124 1.56 -13.83 40.52
N MET A 125 0.75 -12.81 40.26
CA MET A 125 -0.66 -13.00 39.94
C MET A 125 -0.94 -12.99 38.44
N ALA A 126 0.10 -12.98 37.60
CA ALA A 126 -0.12 -13.19 36.18
C ALA A 126 -0.74 -14.55 35.90
N THR A 127 -1.53 -14.63 34.83
CA THR A 127 -2.26 -15.86 34.49
C THR A 127 -1.50 -16.67 33.45
N VAL A 128 -1.37 -17.98 33.71
CA VAL A 128 -0.73 -18.91 32.78
C VAL A 128 -1.80 -19.65 32.00
N LEU A 129 -1.63 -19.75 30.68
CA LEU A 129 -2.61 -20.44 29.86
C LEU A 129 -2.25 -21.92 29.74
N ASP A 130 -3.28 -22.75 29.68
CA ASP A 130 -3.12 -24.21 29.68
C ASP A 130 -2.83 -24.74 28.28
N SER A 152 -8.00 -17.58 25.98
CA SER A 152 -7.50 -16.65 26.98
C SER A 152 -8.57 -16.32 28.02
N MET A 153 -9.81 -16.23 27.55
CA MET A 153 -10.87 -15.73 28.42
C MET A 153 -11.21 -16.72 29.52
N ALA A 154 -11.20 -18.01 29.20
CA ALA A 154 -11.45 -19.03 30.22
C ALA A 154 -10.42 -18.95 31.35
N ALA A 155 -9.16 -18.64 31.02
CA ALA A 155 -8.15 -18.51 32.07
C ALA A 155 -8.38 -17.23 32.88
N MET A 156 -8.84 -16.18 32.23
CA MET A 156 -9.12 -14.96 32.96
C MET A 156 -10.29 -15.15 33.92
N VAL A 157 -11.23 -16.03 33.56
CA VAL A 157 -12.37 -16.31 34.44
C VAL A 157 -11.92 -17.11 35.65
N GLU A 158 -11.10 -18.15 35.44
CA GLU A 158 -10.64 -18.97 36.57
C GLU A 158 -9.80 -18.16 37.56
N LYS A 159 -9.00 -17.18 37.09
CA LYS A 159 -8.29 -16.34 38.04
C LYS A 159 -9.28 -15.53 38.87
N LEU A 160 -10.31 -15.00 38.23
CA LEU A 160 -11.31 -14.22 38.95
C LEU A 160 -12.14 -15.09 39.89
N GLN A 161 -12.17 -16.40 39.67
CA GLN A 161 -12.97 -17.29 40.52
C GLN A 161 -12.40 -17.39 41.93
N ARG A 162 -11.08 -17.24 42.08
CA ARG A 162 -10.43 -17.26 43.39
C ARG A 162 -10.82 -18.47 44.22
N ASP A 163 -10.71 -19.64 43.61
CA ASP A 163 -11.00 -20.88 44.33
C ASP A 163 -9.72 -21.38 44.98
N PRO A 164 -9.69 -21.54 46.29
CA PRO A 164 -8.40 -21.77 46.98
C PRO A 164 -7.66 -23.05 46.62
N THR A 165 -8.34 -24.07 46.07
CA THR A 165 -7.66 -25.33 45.79
C THR A 165 -7.27 -25.50 44.33
N ASN A 166 -7.43 -24.47 43.51
CA ASN A 166 -6.94 -24.49 42.14
C ASN A 166 -5.61 -23.74 42.14
N ASN A 167 -4.51 -24.48 42.31
CA ASN A 167 -3.17 -23.93 42.32
C ASN A 167 -2.46 -24.10 40.98
N THR A 168 -3.21 -23.99 39.89
CA THR A 168 -2.72 -24.22 38.54
C THR A 168 -2.86 -22.96 37.69
N ILE A 169 -3.33 -21.87 38.29
CA ILE A 169 -3.82 -20.73 37.53
C ILE A 169 -2.87 -19.55 37.48
N VAL A 170 -2.53 -19.04 38.59
CA VAL A 170 -1.72 -17.85 38.75
C VAL A 170 -0.23 -18.26 38.74
N ALA A 171 0.65 -17.37 38.24
CA ALA A 171 2.04 -17.78 38.05
C ALA A 171 2.70 -18.23 39.34
N ARG A 172 2.37 -17.58 40.46
CA ARG A 172 2.89 -18.00 41.76
C ARG A 172 2.60 -19.47 42.03
N ASP A 173 1.39 -19.93 41.72
CA ASP A 173 1.07 -21.32 42.01
C ASP A 173 1.69 -22.26 40.99
N VAL A 174 1.69 -21.88 39.71
CA VAL A 174 2.31 -22.72 38.69
C VAL A 174 3.81 -22.84 38.94
N ALA A 175 4.42 -21.76 39.44
CA ALA A 175 5.85 -21.78 39.69
C ALA A 175 6.28 -22.89 40.66
N GLN A 176 5.37 -23.42 41.47
CA GLN A 176 5.76 -24.46 42.41
C GLN A 176 6.03 -25.79 41.74
N TYR A 177 5.38 -26.07 40.60
CA TYR A 177 5.64 -27.32 39.92
C TYR A 177 6.24 -27.14 38.53
N ASP A 178 6.37 -25.91 38.05
CA ASP A 178 6.96 -25.65 36.74
C ASP A 178 8.20 -24.78 36.89
N GLY A 179 9.37 -25.42 36.95
CA GLY A 179 10.63 -24.72 37.15
C GLY A 179 11.03 -23.80 36.01
N ARG A 180 10.36 -23.88 34.86
CA ARG A 180 10.70 -22.98 33.77
C ARG A 180 10.43 -21.52 34.13
N ILE A 181 9.37 -21.26 34.91
CA ILE A 181 9.08 -19.91 35.32
C ILE A 181 9.46 -19.64 36.76
N ALA A 182 9.96 -20.65 37.49
CA ALA A 182 10.33 -20.42 38.87
C ALA A 182 11.47 -19.41 38.99
N GLN A 183 12.37 -19.39 38.00
CA GLN A 183 13.46 -18.41 38.03
C GLN A 183 12.93 -17.00 37.85
N TYR A 184 11.71 -16.86 37.36
CA TYR A 184 11.21 -15.56 36.94
C TYR A 184 10.15 -14.94 37.84
N VAL A 185 9.30 -15.71 38.50
CA VAL A 185 8.20 -15.04 39.17
C VAL A 185 8.70 -14.50 40.50
N CYS A 186 8.28 -13.29 40.81
CA CYS A 186 8.73 -12.53 41.95
C CYS A 186 7.57 -12.40 42.94
N THR A 187 7.83 -11.73 44.06
CA THR A 187 6.76 -11.43 45.00
C THR A 187 6.13 -10.10 44.62
N VAL A 188 4.95 -9.80 45.19
CA VAL A 188 4.38 -8.47 45.03
C VAL A 188 5.36 -7.43 45.55
N GLU A 189 6.01 -7.71 46.69
CA GLU A 189 6.98 -6.76 47.22
C GLU A 189 8.14 -6.56 46.25
N GLU A 190 8.63 -7.64 45.62
CA GLU A 190 9.73 -7.52 44.67
C GLU A 190 9.32 -6.73 43.44
N TRP A 191 8.07 -6.91 42.99
CA TRP A 191 7.55 -6.15 41.86
C TRP A 191 7.62 -4.67 42.17
N ASP A 192 7.09 -4.26 43.34
CA ASP A 192 7.11 -2.86 43.71
C ASP A 192 8.52 -2.33 43.85
N MET A 193 9.44 -3.12 44.40
CA MET A 193 10.82 -2.64 44.51
C MET A 193 11.46 -2.48 43.13
N ALA A 194 11.12 -3.34 42.17
CA ALA A 194 11.72 -3.20 40.84
C ALA A 194 11.32 -1.88 40.17
N LEU A 195 10.04 -1.50 40.29
CA LEU A 195 9.58 -0.21 39.78
C LEU A 195 10.26 0.93 40.51
N MET A 196 10.33 0.85 41.85
CA MET A 196 11.02 1.88 42.62
C MET A 196 12.44 2.04 42.16
N ALA A 197 13.10 0.92 41.84
CA ALA A 197 14.51 0.95 41.48
C ALA A 197 14.76 1.34 40.04
N SER A 198 13.74 1.33 39.19
CA SER A 198 13.94 1.66 37.78
C SER A 198 14.25 3.14 37.60
N GLU A 199 15.07 3.45 36.59
CA GLU A 199 15.40 4.84 36.32
C GLU A 199 14.48 5.46 35.28
N ARG A 200 14.22 4.74 34.19
CA ARG A 200 13.28 5.17 33.18
C ARG A 200 12.62 3.94 32.60
N ILE A 201 11.31 4.00 32.46
CA ILE A 201 10.45 2.84 32.23
C ILE A 201 9.71 3.06 30.93
N LEU A 202 9.73 2.05 30.07
CA LEU A 202 8.91 2.00 28.86
C LEU A 202 7.81 0.97 29.12
N ALA A 203 6.55 1.44 29.15
CA ALA A 203 5.39 0.58 29.33
C ALA A 203 4.66 0.46 27.99
N GLU A 204 4.38 -0.76 27.55
CA GLU A 204 3.72 -0.98 26.27
C GLU A 204 2.30 -1.48 26.52
N GLY A 205 1.32 -0.75 26.01
CA GLY A 205 -0.07 -1.07 26.18
C GLY A 205 -0.48 -2.27 25.36
N ALA A 206 -1.77 -2.56 25.39
CA ALA A 206 -2.31 -3.77 24.79
C ALA A 206 -3.14 -3.38 23.55
N GLN A 207 -4.33 -3.93 23.37
CA GLN A 207 -5.11 -3.66 22.16
C GLN A 207 -5.50 -2.19 22.10
N GLY A 208 -6.30 -1.83 21.10
CA GLY A 208 -6.52 -0.43 20.80
C GLY A 208 -7.78 0.11 21.42
N PHE A 209 -7.78 1.44 21.61
CA PHE A 209 -8.82 2.13 22.35
C PHE A 209 -10.23 1.68 21.95
N SER A 210 -10.51 1.65 20.64
CA SER A 210 -11.89 1.39 20.25
C SER A 210 -12.33 -0.04 20.54
N LEU A 211 -11.42 -0.94 20.84
CA LEU A 211 -11.82 -2.29 21.21
C LEU A 211 -12.14 -2.41 22.70
N SER A 212 -12.03 -1.30 23.43
CA SER A 212 -12.28 -1.32 24.88
C SER A 212 -13.59 -2.01 25.23
N LEU A 213 -13.56 -2.74 26.34
CA LEU A 213 -14.76 -3.39 26.89
C LEU A 213 -15.92 -2.42 27.04
N ASN A 214 -15.66 -1.20 27.48
CA ASN A 214 -16.72 -0.26 27.82
C ASN A 214 -16.81 0.90 26.85
N GLN A 215 -16.27 0.75 25.65
CA GLN A 215 -16.61 1.70 24.61
C GLN A 215 -17.82 1.17 23.85
N GLU A 216 -18.22 1.86 22.76
CA GLU A 216 -19.57 1.74 22.25
C GLU A 216 -19.88 0.40 21.60
N PHE A 217 -18.86 -0.36 21.20
CA PHE A 217 -19.11 -1.52 20.36
C PHE A 217 -19.40 -2.81 21.12
N TYR A 218 -19.43 -2.74 22.45
CA TYR A 218 -19.86 -3.88 23.26
C TYR A 218 -21.16 -4.45 22.69
N PRO A 219 -21.29 -5.78 22.55
CA PRO A 219 -20.30 -6.78 23.01
C PRO A 219 -19.20 -7.15 22.01
N TYR A 220 -19.07 -6.41 20.90
CA TYR A 220 -18.04 -6.72 19.90
C TYR A 220 -16.80 -5.91 20.25
N CYS A 221 -16.06 -6.44 21.23
CA CYS A 221 -14.99 -5.74 21.94
C CYS A 221 -14.19 -6.79 22.70
N THR A 222 -13.07 -6.37 23.28
CA THR A 222 -12.27 -7.24 24.13
C THR A 222 -12.82 -7.25 25.56
N SER A 223 -12.17 -8.02 26.43
CA SER A 223 -12.59 -8.23 27.80
C SER A 223 -12.00 -7.22 28.79
N ARG A 224 -11.29 -6.20 28.31
CA ARG A 224 -10.74 -5.16 29.17
C ARG A 224 -10.90 -3.79 28.50
N ASP A 225 -10.88 -2.74 29.31
CA ASP A 225 -10.74 -1.41 28.75
C ASP A 225 -9.30 -1.21 28.27
N CYS A 226 -9.15 -0.54 27.13
CA CYS A 226 -7.84 -0.31 26.50
C CYS A 226 -7.49 1.17 26.60
N THR A 227 -7.26 1.63 27.82
CA THR A 227 -7.03 3.02 28.17
C THR A 227 -5.80 3.12 29.05
N PRO A 228 -5.17 4.30 29.12
CA PRO A 228 -3.98 4.43 29.97
C PRO A 228 -4.23 4.05 31.42
N ALA A 229 -5.36 4.46 31.99
CA ALA A 229 -5.65 4.12 33.38
C ALA A 229 -5.65 2.61 33.60
N ARG A 230 -6.26 1.88 32.68
CA ARG A 230 -6.37 0.45 32.87
C ARG A 230 -5.04 -0.27 32.63
N PHE A 231 -4.25 0.15 31.62
CA PHE A 231 -2.93 -0.42 31.41
C PHE A 231 -2.04 -0.22 32.63
N LEU A 232 -2.00 1.01 33.15
CA LEU A 232 -1.18 1.25 34.34
C LEU A 232 -1.67 0.41 35.49
N ALA A 233 -3.00 0.27 35.64
CA ALA A 233 -3.53 -0.57 36.73
C ALA A 233 -3.05 -2.01 36.58
N ASP A 234 -3.10 -2.53 35.37
CA ASP A 234 -2.78 -3.94 35.11
C ASP A 234 -1.29 -4.21 35.17
N MET A 235 -0.47 -3.17 35.14
CA MET A 235 0.97 -3.26 35.34
C MET A 235 1.38 -2.85 36.76
N GLY A 236 0.43 -2.45 37.60
CA GLY A 236 0.77 -2.04 38.96
C GLY A 236 1.63 -0.79 39.06
N ILE A 237 1.54 0.13 38.11
CA ILE A 237 2.35 1.33 38.08
C ILE A 237 1.57 2.45 38.77
N PRO A 238 2.11 3.06 39.84
CA PRO A 238 1.41 4.17 40.48
C PRO A 238 1.28 5.35 39.52
N LEU A 239 0.11 6.00 39.57
CA LEU A 239 -0.20 7.11 38.67
C LEU A 239 0.85 8.21 38.61
N PRO A 240 1.50 8.63 39.71
CA PRO A 240 2.50 9.70 39.58
C PRO A 240 3.75 9.30 38.79
N MET A 241 3.95 8.01 38.51
CA MET A 241 5.12 7.68 37.70
C MET A 241 4.92 8.01 36.23
N LEU A 242 3.70 8.27 35.78
CA LEU A 242 3.46 8.50 34.35
C LEU A 242 4.11 9.80 33.89
N ASN A 243 4.96 9.74 32.88
CA ASN A 243 5.55 10.93 32.31
C ASN A 243 4.85 11.37 31.04
N LYS A 244 4.69 10.46 30.09
CA LYS A 244 4.00 10.81 28.85
C LYS A 244 3.36 9.58 28.23
N VAL A 245 2.30 9.81 27.47
CA VAL A 245 1.59 8.78 26.72
C VAL A 245 1.88 9.01 25.24
N ILE A 246 2.35 7.98 24.56
CA ILE A 246 2.55 8.03 23.11
C ILE A 246 1.45 7.20 22.49
N GLY A 247 0.55 7.87 21.77
CA GLY A 247 -0.55 7.20 21.09
C GLY A 247 -0.18 6.89 19.64
N THR A 248 -0.64 5.75 19.16
CA THR A 248 -0.34 5.32 17.79
C THR A 248 -1.61 5.22 16.94
N ALA A 249 -1.42 5.39 15.64
CA ALA A 249 -2.54 5.34 14.71
C ALA A 249 -1.98 5.02 13.33
N ARG A 250 -2.86 4.56 12.45
CA ARG A 250 -2.54 4.36 11.06
C ARG A 250 -3.56 5.14 10.23
N CYS A 251 -3.16 5.53 9.01
CA CYS A 251 -4.01 6.41 8.22
C CYS A 251 -5.27 5.69 7.77
N HIS A 252 -5.17 4.40 7.52
CA HIS A 252 -6.31 3.54 7.19
C HIS A 252 -6.41 2.43 8.22
N PRO A 253 -7.25 2.57 9.25
CA PRO A 253 -7.21 1.64 10.37
C PRO A 253 -7.79 0.29 10.03
N ILE A 254 -7.23 -0.73 10.68
CA ILE A 254 -7.55 -2.13 10.45
C ILE A 254 -8.56 -2.55 11.52
N ARG A 255 -9.33 -3.60 11.22
CA ARG A 255 -10.07 -4.28 12.27
C ARG A 255 -10.02 -5.79 12.09
N GLY A 262 -19.28 -3.40 14.08
CA GLY A 262 -19.50 -2.15 13.37
C GLY A 262 -18.30 -1.21 13.40
N HIS A 263 -18.55 0.07 13.18
CA HIS A 263 -17.50 1.05 13.07
C HIS A 263 -18.10 2.43 13.28
N TYR A 264 -17.28 3.46 13.11
CA TYR A 264 -17.69 4.83 13.38
C TYR A 264 -18.44 5.41 12.17
N PRO A 265 -19.31 6.41 12.39
CA PRO A 265 -20.18 6.86 11.31
C PRO A 265 -19.44 7.45 10.12
N ASP A 266 -18.29 8.08 10.34
CA ASP A 266 -17.59 8.83 9.31
C ASP A 266 -16.49 8.04 8.63
N GLN A 267 -16.58 6.71 8.62
CA GLN A 267 -15.59 5.86 7.99
C GLN A 267 -16.33 4.77 7.23
N GLU A 268 -15.72 4.28 6.16
CA GLU A 268 -16.37 3.32 5.28
C GLU A 268 -15.38 2.27 4.80
N GLU A 269 -15.94 1.19 4.25
CA GLU A 269 -15.24 0.04 3.69
C GLU A 269 -14.75 -0.92 4.76
N ARG A 290 -10.52 -6.34 7.76
CA ARG A 290 -11.24 -5.19 7.23
C ARG A 290 -10.43 -3.91 7.36
N VAL A 291 -10.48 -3.08 6.32
CA VAL A 291 -9.77 -1.81 6.28
C VAL A 291 -10.79 -0.69 6.09
N PHE A 292 -10.64 0.37 6.87
CA PHE A 292 -11.52 1.52 6.84
C PHE A 292 -10.71 2.77 6.56
N SER A 293 -11.37 3.76 5.98
CA SER A 293 -10.80 5.10 5.90
C SER A 293 -10.54 5.65 7.31
N PHE A 294 -9.77 6.73 7.37
CA PHE A 294 -9.54 7.41 8.63
C PHE A 294 -10.85 7.99 9.17
N SER A 295 -11.03 7.86 10.48
CA SER A 295 -12.20 8.35 11.19
C SER A 295 -11.79 9.46 12.14
N PHE A 296 -12.25 10.67 11.84
CA PHE A 296 -12.06 11.80 12.74
C PHE A 296 -12.80 11.59 14.06
N ILE A 297 -14.03 11.07 14.02
CA ILE A 297 -14.79 10.83 15.25
C ILE A 297 -14.07 9.84 16.15
N GLN A 298 -13.53 8.75 15.56
CA GLN A 298 -12.82 7.76 16.34
C GLN A 298 -11.63 8.39 17.02
N MET A 299 -10.94 9.25 16.29
CA MET A 299 -9.79 9.91 16.88
C MET A 299 -10.17 10.90 17.97
N GLN A 300 -11.27 11.62 17.80
CA GLN A 300 -11.80 12.48 18.86
C GLN A 300 -12.06 11.70 20.15
N LYS A 301 -12.78 10.57 20.05
CA LYS A 301 -13.08 9.77 21.23
C LYS A 301 -11.80 9.28 21.88
N ALA A 302 -10.84 8.83 21.07
CA ALA A 302 -9.59 8.31 21.61
C ALA A 302 -8.81 9.40 22.30
N MET A 303 -8.82 10.61 21.74
CA MET A 303 -8.08 11.71 22.35
C MET A 303 -8.69 12.08 23.68
N TRP A 304 -10.01 12.12 23.77
CA TRP A 304 -10.63 12.54 25.03
C TRP A 304 -10.22 11.60 26.16
N THR A 305 -10.38 10.28 25.94
CA THR A 305 -10.06 9.33 27.01
C THR A 305 -8.56 9.13 27.17
N CYS A 306 -7.82 8.98 26.07
CA CYS A 306 -6.43 8.54 26.21
C CYS A 306 -5.46 9.70 26.40
N GLN A 307 -5.81 10.91 25.95
CA GLN A 307 -5.02 12.12 26.14
C GLN A 307 -3.53 11.90 25.87
N PRO A 308 -3.17 11.43 24.68
CA PRO A 308 -1.76 11.22 24.38
C PRO A 308 -1.00 12.54 24.37
N ASP A 309 0.28 12.47 24.74
CA ASP A 309 1.11 13.66 24.65
C ASP A 309 1.80 13.77 23.30
N GLU A 310 2.01 12.63 22.65
CA GLU A 310 2.67 12.52 21.36
C GLU A 310 1.99 11.42 20.56
N VAL A 311 1.98 11.58 19.25
CA VAL A 311 1.33 10.62 18.37
C VAL A 311 2.36 10.13 17.35
N PHE A 312 2.34 8.83 17.11
CA PHE A 312 3.07 8.19 16.01
C PHE A 312 2.03 7.80 14.97
N LEU A 313 2.15 8.34 13.75
CA LEU A 313 1.27 7.99 12.65
C LEU A 313 2.01 7.06 11.70
N ASN A 314 1.50 5.86 11.54
CA ASN A 314 2.22 4.81 10.83
C ASN A 314 1.48 4.48 9.53
N PHE A 315 2.18 3.71 8.68
CA PHE A 315 1.71 3.31 7.36
C PHE A 315 1.43 4.52 6.48
N CYS A 316 2.11 5.64 6.74
CA CYS A 316 2.03 6.75 5.82
C CYS A 316 2.54 6.33 4.45
N ASN A 317 3.40 5.32 4.39
CA ASN A 317 3.91 4.85 3.11
C ASN A 317 2.84 4.20 2.24
N TYR A 318 1.60 4.12 2.71
CA TYR A 318 0.50 3.64 1.88
C TYR A 318 -0.25 4.76 1.20
N LEU A 319 0.13 6.02 1.46
CA LEU A 319 -0.63 7.15 0.93
C LEU A 319 0.30 8.13 0.24
N SER A 320 -0.31 8.96 -0.60
CA SER A 320 0.35 10.12 -1.18
C SER A 320 0.72 11.10 -0.08
N PRO A 321 1.73 11.95 -0.30
CA PRO A 321 2.02 13.00 0.69
C PRO A 321 0.79 13.79 1.10
N MET A 322 0.05 14.35 0.14
CA MET A 322 -1.19 15.05 0.47
C MET A 322 -2.08 14.21 1.36
N GLY A 323 -2.08 12.89 1.14
CA GLY A 323 -2.91 11.97 1.88
C GLY A 323 -2.61 11.94 3.36
N TRP A 324 -1.42 11.46 3.74
CA TRP A 324 -1.10 11.39 5.15
C TRP A 324 -0.80 12.75 5.76
N GLN A 325 -0.45 13.77 4.97
CA GLN A 325 -0.27 15.06 5.61
C GLN A 325 -1.61 15.64 6.07
N ASP A 326 -2.69 15.36 5.34
CA ASP A 326 -4.00 15.83 5.76
C ASP A 326 -4.43 15.15 7.06
N ILE A 327 -4.08 13.87 7.24
CA ILE A 327 -4.46 13.16 8.46
C ILE A 327 -3.69 13.68 9.66
N VAL A 328 -2.43 14.09 9.47
CA VAL A 328 -1.71 14.75 10.56
C VAL A 328 -2.53 15.93 11.08
N HIS A 329 -2.98 16.80 10.17
CA HIS A 329 -3.78 17.96 10.55
C HIS A 329 -5.06 17.53 11.25
N GLN A 330 -5.77 16.55 10.68
CA GLN A 330 -7.01 16.06 11.29
C GLN A 330 -6.78 15.50 12.69
N ILE A 331 -5.67 14.76 12.91
CA ILE A 331 -5.41 14.24 14.24
C ILE A 331 -5.23 15.37 15.22
N GLU A 332 -4.52 16.41 14.81
CA GLU A 332 -4.27 17.52 15.71
C GLU A 332 -5.51 18.38 15.89
N VAL A 333 -6.44 18.38 14.93
CA VAL A 333 -7.67 19.13 15.13
C VAL A 333 -8.62 18.36 16.04
N ALA A 334 -8.63 17.03 15.92
CA ALA A 334 -9.36 16.21 16.89
C ALA A 334 -8.80 16.36 18.30
N ALA A 335 -7.47 16.33 18.44
CA ALA A 335 -6.85 16.53 19.75
C ALA A 335 -7.33 17.81 20.38
N GLN A 336 -7.23 18.91 19.64
CA GLN A 336 -7.56 20.22 20.17
C GLN A 336 -9.05 20.29 20.51
N SER A 337 -9.90 19.59 19.74
CA SER A 337 -11.34 19.57 19.99
C SER A 337 -11.70 18.85 21.28
N ARG A 338 -10.78 18.07 21.85
CA ARG A 338 -11.08 17.30 23.04
C ARG A 338 -10.06 17.63 24.13
N TYR A 339 -9.57 18.88 24.11
CA TYR A 339 -8.73 19.49 25.15
C TYR A 339 -7.44 18.70 25.36
N CYS A 340 -6.90 18.19 24.26
CA CYS A 340 -5.66 17.43 24.28
C CYS A 340 -4.60 18.15 23.43
N ASP A 341 -3.42 18.33 24.02
CA ASP A 341 -2.31 19.04 23.39
C ASP A 341 -1.44 18.15 22.52
N ALA A 342 -1.90 16.96 22.16
CA ALA A 342 -1.05 15.99 21.50
C ALA A 342 -0.41 16.58 20.25
N GLU A 343 0.81 16.17 19.97
CA GLU A 343 1.49 16.51 18.74
C GLU A 343 1.76 15.24 17.94
N VAL A 344 1.51 15.28 16.63
CA VAL A 344 1.98 14.19 15.79
C VAL A 344 3.48 14.37 15.66
N LYS A 345 4.25 13.55 16.35
CA LYS A 345 5.68 13.76 16.44
C LYS A 345 6.49 12.75 15.64
N TYR A 346 5.95 11.55 15.41
CA TYR A 346 6.63 10.49 14.68
C TYR A 346 5.79 10.08 13.47
N LEU A 347 6.43 9.84 12.34
CA LEU A 347 5.75 9.27 11.18
C LEU A 347 6.46 8.00 10.74
N GLY A 348 5.67 7.00 10.35
CA GLY A 348 6.17 5.69 9.97
C GLY A 348 5.93 5.42 8.49
N PHE A 349 7.01 5.07 7.79
CA PHE A 349 6.94 4.82 6.35
C PHE A 349 7.43 3.41 6.01
N GLY A 350 7.38 2.49 6.97
CA GLY A 350 7.86 1.14 6.75
C GLY A 350 7.94 0.39 8.06
N PRO A 351 8.24 -0.90 8.01
CA PRO A 351 8.27 -1.72 9.23
C PRO A 351 9.58 -1.68 10.00
N THR A 352 10.52 -0.81 9.63
CA THR A 352 11.86 -0.83 10.16
C THR A 352 12.16 0.44 10.95
N PHE A 353 13.06 0.30 11.94
CA PHE A 353 13.69 1.44 12.59
C PHE A 353 14.04 2.54 11.60
N ASN A 354 14.63 2.16 10.46
CA ASN A 354 15.10 3.16 9.50
C ASN A 354 13.97 3.85 8.77
N ASP A 355 12.72 3.43 8.98
CA ASP A 355 11.58 4.03 8.31
C ASP A 355 10.75 4.94 9.23
N VAL A 356 11.18 5.14 10.47
CA VAL A 356 10.49 6.03 11.39
C VAL A 356 11.15 7.39 11.30
N GLU A 357 10.37 8.41 10.94
CA GLU A 357 10.91 9.75 10.79
C GLU A 357 10.22 10.75 11.71
N LEU A 358 10.88 11.88 11.90
CA LEU A 358 10.38 12.95 12.75
C LEU A 358 9.48 13.85 11.91
N ARG A 359 8.29 14.14 12.43
CA ARG A 359 7.32 14.93 11.65
C ARG A 359 7.90 16.29 11.29
N GLU A 360 8.68 16.89 12.19
CA GLU A 360 9.29 18.19 11.90
C GLU A 360 10.28 18.13 10.75
N ASP A 361 10.73 16.94 10.35
CA ASP A 361 11.65 16.78 9.23
C ASP A 361 10.97 16.48 7.91
N VAL A 362 9.86 15.74 7.93
CA VAL A 362 9.11 15.44 6.72
C VAL A 362 7.96 16.42 6.55
N GLU B 22 5.53 17.58 -35.17
CA GLU B 22 5.79 16.64 -34.08
C GLU B 22 4.81 16.87 -32.94
N ASN B 23 3.70 16.12 -32.97
CA ASN B 23 2.64 16.43 -32.03
C ASN B 23 2.01 15.21 -31.35
N VAL B 24 2.59 14.02 -31.45
CA VAL B 24 2.02 12.86 -30.77
C VAL B 24 2.88 12.58 -29.55
N ASP B 25 2.22 12.48 -28.40
CA ASP B 25 2.80 11.99 -27.15
C ASP B 25 2.38 10.54 -27.00
N LEU B 26 3.35 9.64 -26.88
CA LEU B 26 3.08 8.22 -26.93
C LEU B 26 3.42 7.60 -25.58
N VAL B 27 2.43 6.96 -24.95
CA VAL B 27 2.59 6.41 -23.61
C VAL B 27 2.83 4.91 -23.74
N ILE B 28 3.93 4.41 -23.15
CA ILE B 28 4.27 3.00 -23.25
C ILE B 28 4.67 2.48 -21.87
N ASP B 29 4.77 1.15 -21.79
CA ASP B 29 5.06 0.47 -20.54
C ASP B 29 6.41 -0.21 -20.69
N LEU B 30 7.31 0.03 -19.71
CA LEU B 30 8.72 -0.34 -19.78
C LEU B 30 9.02 -1.67 -19.12
N GLN B 31 8.01 -2.37 -18.60
CA GLN B 31 8.30 -3.59 -17.87
C GLN B 31 7.44 -4.74 -18.39
N PHE B 32 6.73 -5.40 -17.47
CA PHE B 32 5.90 -6.55 -17.82
C PHE B 32 4.42 -6.19 -17.96
N GLY B 33 4.09 -4.93 -18.04
CA GLY B 33 2.70 -4.52 -18.03
C GLY B 33 2.24 -4.18 -16.63
N SER B 34 0.97 -3.78 -16.54
CA SER B 34 0.30 -3.49 -15.28
C SER B 34 1.06 -2.44 -14.47
N THR B 35 1.41 -1.33 -15.13
CA THR B 35 2.09 -0.21 -14.49
C THR B 35 1.17 0.99 -14.24
N GLY B 36 -0.12 0.88 -14.56
CA GLY B 36 -0.99 2.03 -14.43
C GLY B 36 -0.85 3.03 -15.56
N LYS B 37 -0.67 2.54 -16.76
CA LYS B 37 -0.52 3.38 -17.89
C LYS B 37 -1.75 4.19 -18.10
N GLY B 38 -2.89 3.62 -17.77
CA GLY B 38 -4.14 4.35 -17.88
C GLY B 38 -4.16 5.58 -17.00
N LEU B 39 -3.64 5.43 -15.81
CA LEU B 39 -3.56 6.53 -14.92
C LEU B 39 -2.81 7.71 -15.47
N ILE B 40 -1.63 7.51 -16.03
CA ILE B 40 -0.85 8.62 -16.58
C ILE B 40 -1.48 9.15 -17.87
N ALA B 41 -2.14 8.29 -18.64
CA ALA B 41 -2.78 8.77 -19.86
C ALA B 41 -3.89 9.77 -19.53
N GLY B 42 -4.75 9.42 -18.56
CA GLY B 42 -5.76 10.36 -18.14
C GLY B 42 -5.16 11.65 -17.61
N TYR B 43 -4.13 11.52 -16.76
CA TYR B 43 -3.50 12.70 -16.19
C TYR B 43 -2.94 13.63 -17.26
N LEU B 44 -2.21 13.07 -18.23
CA LEU B 44 -1.68 13.89 -19.32
C LEU B 44 -2.81 14.50 -20.14
N ALA B 45 -3.88 13.75 -20.40
CA ALA B 45 -4.99 14.30 -21.14
C ALA B 45 -5.64 15.47 -20.40
N GLU B 46 -5.78 15.36 -19.07
CA GLU B 46 -6.26 16.49 -18.30
C GLU B 46 -5.27 17.66 -18.37
N LYS B 47 -3.98 17.35 -18.31
CA LYS B 47 -2.98 18.42 -18.21
C LYS B 47 -2.75 19.14 -19.55
N ASN B 48 -2.70 18.42 -20.66
CA ASN B 48 -2.29 18.99 -21.94
C ASN B 48 -3.42 19.21 -22.94
N GLY B 49 -4.58 18.60 -22.74
CA GLY B 49 -5.73 18.91 -23.58
C GLY B 49 -5.58 18.56 -25.05
N TYR B 50 -5.18 17.33 -25.32
CA TYR B 50 -5.09 16.85 -26.71
C TYR B 50 -6.47 16.87 -27.35
N ASP B 51 -6.51 17.18 -28.65
CA ASP B 51 -7.78 17.10 -29.37
C ASP B 51 -8.01 15.74 -30.01
N THR B 52 -6.96 14.92 -30.09
CA THR B 52 -7.07 13.58 -30.66
C THR B 52 -6.40 12.60 -29.71
N VAL B 53 -7.13 11.54 -29.37
CA VAL B 53 -6.57 10.42 -28.63
C VAL B 53 -6.78 9.16 -29.45
N ILE B 54 -5.77 8.29 -29.43
CA ILE B 54 -5.70 7.15 -30.35
C ILE B 54 -5.02 5.99 -29.64
N ASN B 55 -5.45 4.77 -29.96
CA ASN B 55 -4.78 3.57 -29.47
C ASN B 55 -5.00 2.45 -30.49
N ALA B 56 -4.50 1.26 -30.17
CA ALA B 56 -4.72 0.07 -31.00
C ALA B 56 -4.58 -1.15 -30.12
N ASN B 57 -5.55 -1.33 -29.23
CA ASN B 57 -5.49 -2.36 -28.21
C ASN B 57 -6.10 -3.66 -28.69
N MET B 58 -5.59 -4.75 -28.16
CA MET B 58 -6.21 -6.06 -28.22
C MET B 58 -6.85 -6.36 -26.88
N PRO B 59 -7.66 -7.42 -26.79
CA PRO B 59 -8.29 -7.73 -25.49
C PRO B 59 -7.26 -7.77 -24.36
N ASN B 60 -7.59 -7.10 -23.24
CA ASN B 60 -6.53 -6.79 -22.29
C ASN B 60 -6.98 -6.64 -20.83
N ALA B 61 -8.23 -6.91 -20.49
CA ALA B 61 -8.79 -6.79 -19.14
C ALA B 61 -8.89 -5.34 -18.67
N GLY B 62 -8.53 -4.36 -19.51
CA GLY B 62 -8.85 -2.99 -19.19
C GLY B 62 -7.66 -2.17 -18.70
N HIS B 63 -7.73 -0.86 -18.97
CA HIS B 63 -6.82 0.14 -18.44
C HIS B 63 -7.68 1.12 -17.65
N THR B 64 -7.26 1.43 -16.43
CA THR B 64 -8.13 2.13 -15.48
C THR B 64 -7.63 3.55 -15.24
N TYR B 65 -8.55 4.51 -15.31
CA TYR B 65 -8.29 5.88 -14.92
C TYR B 65 -9.36 6.34 -13.95
N ILE B 66 -8.93 7.02 -12.87
CA ILE B 66 -9.84 7.61 -11.88
C ILE B 66 -9.45 9.07 -11.68
N ASN B 67 -10.41 9.98 -11.84
CA ASN B 67 -10.10 11.39 -11.86
C ASN B 67 -10.17 11.97 -10.44
N ALA B 68 -10.07 13.29 -10.32
CA ALA B 68 -9.96 13.93 -9.01
C ALA B 68 -11.26 13.76 -8.22
N GLU B 69 -12.40 13.86 -8.88
CA GLU B 69 -13.68 13.73 -8.19
C GLU B 69 -14.11 12.28 -8.02
N GLY B 70 -13.27 11.33 -8.43
CA GLY B 70 -13.52 9.93 -8.18
C GLY B 70 -14.14 9.13 -9.31
N ARG B 71 -14.41 9.76 -10.46
CA ARG B 71 -15.03 9.03 -11.56
C ARG B 71 -14.04 8.04 -12.15
N LYS B 72 -14.51 6.83 -12.40
CA LYS B 72 -13.67 5.70 -12.78
C LYS B 72 -13.98 5.26 -14.21
N TRP B 73 -12.94 5.11 -15.01
CA TRP B 73 -13.01 4.51 -16.33
C TRP B 73 -12.14 3.26 -16.33
N MET B 74 -12.74 2.11 -16.61
CA MET B 74 -11.99 0.86 -16.84
C MET B 74 -12.27 0.49 -18.30
N HIS B 75 -11.31 0.79 -19.18
CA HIS B 75 -11.49 0.70 -20.62
C HIS B 75 -10.68 -0.45 -21.19
N LYS B 76 -11.36 -1.30 -21.99
CA LYS B 76 -10.67 -2.28 -22.79
C LYS B 76 -10.62 -1.91 -24.26
N VAL B 77 -11.43 -0.94 -24.70
CA VAL B 77 -11.46 -0.55 -26.11
C VAL B 77 -11.16 0.95 -26.25
N LEU B 78 -11.91 1.84 -25.55
CA LEU B 78 -11.65 3.26 -25.71
C LEU B 78 -10.38 3.66 -24.97
N PRO B 79 -9.66 4.65 -25.48
CA PRO B 79 -8.50 5.18 -24.73
C PRO B 79 -8.93 5.87 -23.46
N ASN B 80 -8.03 5.89 -22.47
CA ASN B 80 -8.34 6.62 -21.25
C ASN B 80 -8.28 8.12 -21.46
N GLY B 81 -7.59 8.58 -22.49
CA GLY B 81 -7.45 10.00 -22.75
C GLY B 81 -8.71 10.73 -23.15
N ILE B 82 -9.86 10.04 -23.23
CA ILE B 82 -11.07 10.73 -23.64
C ILE B 82 -11.46 11.81 -22.64
N VAL B 83 -10.81 11.85 -21.47
CA VAL B 83 -11.11 12.91 -20.50
C VAL B 83 -10.48 14.25 -20.85
N SER B 84 -9.76 14.36 -21.96
CA SER B 84 -9.18 15.65 -22.34
C SER B 84 -10.28 16.70 -22.47
N PRO B 85 -10.07 17.91 -21.93
CA PRO B 85 -11.11 18.94 -22.03
C PRO B 85 -11.36 19.42 -23.44
N ASN B 86 -10.46 19.14 -24.39
CA ASN B 86 -10.65 19.58 -25.77
C ASN B 86 -10.74 18.40 -26.73
N LEU B 87 -11.27 17.27 -26.25
CA LEU B 87 -11.45 16.10 -27.08
C LEU B 87 -12.27 16.42 -28.32
N LYS B 88 -11.75 16.01 -29.47
CA LYS B 88 -12.38 16.24 -30.78
C LYS B 88 -12.44 14.95 -31.59
N ARG B 89 -11.45 14.07 -31.42
CA ARG B 89 -11.36 12.84 -32.18
C ARG B 89 -10.88 11.70 -31.27
N VAL B 90 -11.58 10.57 -31.35
CA VAL B 90 -11.15 9.33 -30.73
C VAL B 90 -10.97 8.31 -31.84
N MET B 91 -9.79 7.68 -31.87
CA MET B 91 -9.33 6.93 -33.04
C MET B 91 -8.84 5.56 -32.58
N LEU B 92 -9.49 4.51 -33.09
CA LEU B 92 -9.13 3.13 -32.81
C LEU B 92 -8.40 2.57 -34.04
N GLY B 93 -7.10 2.28 -33.88
CA GLY B 93 -6.25 2.01 -35.03
C GLY B 93 -6.45 0.63 -35.65
N ALA B 94 -5.79 0.44 -36.80
CA ALA B 94 -5.92 -0.81 -37.54
C ALA B 94 -5.46 -2.00 -36.73
N GLY B 95 -4.53 -1.79 -35.80
CA GLY B 95 -4.14 -2.90 -34.97
C GLY B 95 -5.13 -3.28 -33.88
N SER B 96 -6.23 -2.56 -33.75
CA SER B 96 -7.21 -2.85 -32.72
C SER B 96 -7.85 -4.22 -32.93
N VAL B 97 -8.10 -4.91 -31.83
CA VAL B 97 -8.96 -6.09 -31.81
C VAL B 97 -10.01 -5.84 -30.74
N PHE B 98 -11.29 -5.77 -31.13
CA PHE B 98 -12.24 -5.31 -30.14
C PHE B 98 -13.61 -5.96 -30.31
N SER B 99 -14.32 -6.08 -29.19
CA SER B 99 -15.71 -6.52 -29.18
C SER B 99 -16.63 -5.32 -29.37
N ILE B 100 -17.54 -5.44 -30.34
CA ILE B 100 -18.51 -4.38 -30.59
C ILE B 100 -19.38 -4.17 -29.34
N ASN B 101 -19.78 -5.27 -28.71
CA ASN B 101 -20.55 -5.21 -27.47
C ASN B 101 -19.82 -4.38 -26.42
N ARG B 102 -18.54 -4.67 -26.19
CA ARG B 102 -17.75 -3.92 -25.22
C ARG B 102 -17.63 -2.45 -25.62
N LEU B 103 -17.37 -2.19 -26.90
CA LEU B 103 -17.20 -0.81 -27.34
C LEU B 103 -18.47 0.00 -27.11
N MET B 104 -19.64 -0.57 -27.43
CA MET B 104 -20.88 0.18 -27.23
C MET B 104 -21.15 0.43 -25.75
N GLU B 105 -20.72 -0.50 -24.88
CA GLU B 105 -20.83 -0.26 -23.43
C GLU B 105 -19.98 0.94 -23.01
N GLU B 106 -18.74 1.02 -23.51
CA GLU B 106 -17.83 2.06 -23.07
C GLU B 106 -18.25 3.43 -23.59
N ILE B 107 -18.78 3.49 -24.81
CA ILE B 107 -19.25 4.77 -25.33
C ILE B 107 -20.43 5.27 -24.50
N GLU B 108 -21.38 4.38 -24.19
CA GLU B 108 -22.58 4.80 -23.47
C GLU B 108 -22.25 5.17 -22.04
N MET B 109 -21.24 4.55 -21.45
CA MET B 109 -20.85 4.94 -20.10
C MET B 109 -20.10 6.27 -20.09
N SER B 110 -19.64 6.76 -21.25
CA SER B 110 -19.02 8.08 -21.37
C SER B 110 -19.74 8.93 -22.42
N LYS B 111 -21.03 8.69 -22.63
CA LYS B 111 -21.78 9.46 -23.63
C LYS B 111 -21.79 10.94 -23.31
N ASP B 112 -21.67 11.31 -22.03
CA ASP B 112 -21.59 12.73 -21.69
C ASP B 112 -20.33 13.39 -22.23
N LEU B 113 -19.26 12.62 -22.44
CA LEU B 113 -18.06 13.18 -23.02
C LEU B 113 -17.98 13.01 -24.53
N LEU B 114 -18.67 12.05 -25.08
CA LEU B 114 -18.65 11.80 -26.51
C LEU B 114 -19.93 12.20 -27.17
N HIS B 115 -20.19 13.47 -27.26
CA HIS B 115 -21.43 13.88 -27.82
C HIS B 115 -21.39 14.08 -29.29
N ASP B 116 -21.83 15.24 -29.75
CA ASP B 116 -21.88 15.47 -31.17
C ASP B 116 -20.67 16.19 -31.70
N LYS B 117 -19.92 16.74 -30.79
CA LYS B 117 -18.72 17.45 -31.15
C LYS B 117 -17.49 16.54 -31.16
N VAL B 118 -17.65 15.27 -30.92
CA VAL B 118 -16.52 14.35 -30.89
C VAL B 118 -16.72 13.26 -31.89
N ALA B 119 -15.75 13.04 -32.74
CA ALA B 119 -15.84 12.02 -33.71
C ALA B 119 -15.11 10.76 -33.30
N ILE B 120 -15.77 9.63 -33.27
CA ILE B 120 -15.11 8.35 -33.01
C ILE B 120 -14.86 7.70 -34.35
N LEU B 121 -13.61 7.34 -34.60
CA LEU B 121 -13.19 6.78 -35.89
C LEU B 121 -12.58 5.41 -35.64
N ILE B 122 -13.12 4.39 -36.32
CA ILE B 122 -12.60 3.03 -36.26
C ILE B 122 -11.91 2.76 -37.58
N HIS B 123 -10.62 2.42 -37.54
CA HIS B 123 -9.92 2.12 -38.77
C HIS B 123 -10.61 0.96 -39.50
N PRO B 124 -10.77 1.06 -40.82
CA PRO B 124 -11.54 0.04 -41.54
C PRO B 124 -10.98 -1.35 -41.41
N MET B 125 -9.66 -1.47 -41.16
CA MET B 125 -9.04 -2.77 -41.06
C MET B 125 -8.86 -3.22 -39.62
N ALA B 126 -9.46 -2.50 -38.67
CA ALA B 126 -9.50 -2.98 -37.31
C ALA B 126 -10.27 -4.29 -37.29
N THR B 127 -9.91 -5.16 -36.35
CA THR B 127 -10.50 -6.49 -36.31
C THR B 127 -11.66 -6.56 -35.32
N VAL B 128 -12.75 -7.18 -35.75
CA VAL B 128 -13.93 -7.42 -34.92
C VAL B 128 -13.87 -8.79 -34.27
N LEU B 129 -14.09 -8.83 -32.98
CA LEU B 129 -13.99 -10.05 -32.23
C LEU B 129 -15.32 -10.79 -32.23
N ASP B 130 -15.29 -12.09 -32.35
CA ASP B 130 -16.49 -12.89 -32.38
C ASP B 130 -17.13 -13.13 -31.02
N GLY B 151 -8.44 -14.49 -26.79
CA GLY B 151 -9.44 -14.51 -27.85
C GLY B 151 -9.01 -13.72 -29.06
N SER B 152 -8.10 -12.76 -28.84
CA SER B 152 -7.53 -12.00 -29.94
C SER B 152 -6.86 -12.90 -30.96
N MET B 153 -6.27 -14.02 -30.51
CA MET B 153 -5.39 -14.79 -31.37
C MET B 153 -6.15 -15.41 -32.54
N ALA B 154 -7.32 -15.99 -32.27
CA ALA B 154 -8.11 -16.54 -33.36
C ALA B 154 -8.53 -15.42 -34.31
N ALA B 155 -8.86 -14.25 -33.76
CA ALA B 155 -9.32 -13.14 -34.58
C ALA B 155 -8.18 -12.55 -35.40
N MET B 156 -6.98 -12.47 -34.82
CA MET B 156 -5.87 -11.89 -35.58
C MET B 156 -5.42 -12.81 -36.70
N VAL B 157 -5.44 -14.12 -36.48
CA VAL B 157 -5.08 -15.06 -37.54
C VAL B 157 -6.13 -15.03 -38.63
N GLU B 158 -7.39 -14.98 -38.25
CA GLU B 158 -8.44 -14.86 -39.25
C GLU B 158 -8.24 -13.62 -40.10
N LYS B 159 -7.82 -12.50 -39.49
CA LYS B 159 -7.54 -11.33 -40.30
C LYS B 159 -6.37 -11.59 -41.24
N LEU B 160 -5.33 -12.27 -40.75
CA LEU B 160 -4.17 -12.54 -41.61
C LEU B 160 -4.50 -13.53 -42.72
N GLN B 161 -5.58 -14.30 -42.59
CA GLN B 161 -5.92 -15.28 -43.61
C GLN B 161 -6.27 -14.61 -44.93
N ARG B 162 -6.82 -13.40 -44.89
CA ARG B 162 -7.10 -12.59 -46.08
C ARG B 162 -7.86 -13.39 -47.13
N ASP B 163 -8.91 -14.05 -46.71
CA ASP B 163 -9.71 -14.78 -47.67
C ASP B 163 -10.81 -13.87 -48.21
N PRO B 164 -10.93 -13.73 -49.54
CA PRO B 164 -11.87 -12.75 -50.10
C PRO B 164 -13.34 -13.00 -49.78
N THR B 165 -13.73 -14.20 -49.34
CA THR B 165 -15.14 -14.47 -49.09
C THR B 165 -15.52 -14.31 -47.62
N ASN B 166 -14.60 -13.87 -46.77
CA ASN B 166 -14.89 -13.60 -45.37
C ASN B 166 -15.07 -12.10 -45.16
N ASN B 167 -16.32 -11.65 -45.22
CA ASN B 167 -16.71 -10.28 -44.93
C ASN B 167 -17.14 -10.11 -43.48
N THR B 168 -16.53 -10.88 -42.59
CA THR B 168 -16.93 -11.04 -41.21
C THR B 168 -15.86 -10.57 -40.23
N ILE B 169 -14.68 -10.18 -40.70
CA ILE B 169 -13.49 -10.03 -39.88
C ILE B 169 -13.15 -8.55 -39.63
N VAL B 170 -12.93 -7.77 -40.70
CA VAL B 170 -12.49 -6.39 -40.57
C VAL B 170 -13.70 -5.48 -40.37
N ALA B 171 -13.46 -4.36 -39.68
CA ALA B 171 -14.56 -3.48 -39.34
C ALA B 171 -15.27 -2.91 -40.58
N ARG B 172 -14.49 -2.61 -41.63
CA ARG B 172 -15.07 -2.13 -42.89
C ARG B 172 -16.17 -3.07 -43.40
N ASP B 173 -15.93 -4.39 -43.31
CA ASP B 173 -16.92 -5.34 -43.82
C ASP B 173 -18.06 -5.56 -42.81
N VAL B 174 -17.75 -5.64 -41.52
CA VAL B 174 -18.78 -5.88 -40.52
C VAL B 174 -19.76 -4.72 -40.47
N ALA B 175 -19.27 -3.49 -40.66
CA ALA B 175 -20.15 -2.33 -40.67
C ALA B 175 -21.20 -2.38 -41.77
N GLN B 176 -21.00 -3.22 -42.79
CA GLN B 176 -21.96 -3.27 -43.89
C GLN B 176 -23.27 -3.88 -43.44
N TYR B 177 -23.22 -4.78 -42.45
CA TYR B 177 -24.42 -5.41 -41.92
C TYR B 177 -24.67 -5.15 -40.44
N ASP B 178 -23.75 -4.51 -39.73
CA ASP B 178 -23.92 -4.17 -38.31
C ASP B 178 -23.92 -2.65 -38.19
N GLY B 179 -25.11 -2.06 -38.20
CA GLY B 179 -25.21 -0.62 -38.18
C GLY B 179 -24.69 0.06 -36.92
N ARG B 180 -24.44 -0.70 -35.85
CA ARG B 180 -24.00 -0.04 -34.61
C ARG B 180 -22.64 0.63 -34.80
N ILE B 181 -21.79 0.11 -35.68
CA ILE B 181 -20.48 0.71 -35.91
C ILE B 181 -20.41 1.44 -37.23
N ALA B 182 -21.49 1.46 -38.02
CA ALA B 182 -21.46 2.12 -39.31
C ALA B 182 -21.21 3.61 -39.17
N GLN B 183 -21.64 4.22 -38.06
CA GLN B 183 -21.38 5.63 -37.83
C GLN B 183 -19.92 5.91 -37.53
N TYR B 184 -19.14 4.89 -37.19
CA TYR B 184 -17.81 5.10 -36.67
C TYR B 184 -16.70 4.69 -37.61
N VAL B 185 -16.92 3.69 -38.45
CA VAL B 185 -15.84 3.13 -39.25
C VAL B 185 -15.60 4.03 -40.46
N CYS B 186 -14.34 4.36 -40.71
CA CYS B 186 -13.96 5.32 -41.74
C CYS B 186 -13.18 4.64 -42.86
N THR B 187 -12.79 5.43 -43.86
CA THR B 187 -11.89 4.90 -44.87
C THR B 187 -10.45 5.14 -44.43
N VAL B 188 -9.53 4.48 -45.13
CA VAL B 188 -8.12 4.70 -44.89
C VAL B 188 -7.76 6.16 -45.10
N GLU B 189 -8.28 6.76 -46.17
CA GLU B 189 -8.00 8.17 -46.42
C GLU B 189 -8.56 9.06 -45.31
N GLU B 190 -9.75 8.75 -44.81
CA GLU B 190 -10.33 9.53 -43.72
C GLU B 190 -9.45 9.45 -42.47
N TRP B 191 -8.89 8.26 -42.23
CA TRP B 191 -7.97 8.08 -41.11
C TRP B 191 -6.77 9.02 -41.24
N ASP B 192 -6.14 9.06 -42.38
CA ASP B 192 -4.98 9.88 -42.59
C ASP B 192 -5.28 11.36 -42.38
N MET B 193 -6.41 11.77 -42.88
CA MET B 193 -6.82 13.13 -42.74
C MET B 193 -7.10 13.49 -41.32
N ALA B 194 -7.68 12.59 -40.57
CA ALA B 194 -7.93 12.84 -39.20
C ALA B 194 -6.65 13.10 -38.48
N LEU B 195 -5.62 12.34 -38.78
CA LEU B 195 -4.30 12.58 -38.22
C LEU B 195 -3.73 13.92 -38.71
N MET B 196 -3.82 14.19 -40.01
CA MET B 196 -3.32 15.47 -40.51
C MET B 196 -3.99 16.66 -39.83
N ALA B 197 -5.29 16.59 -39.59
CA ALA B 197 -5.98 17.75 -39.04
C ALA B 197 -5.81 17.89 -37.53
N SER B 198 -5.34 16.85 -36.84
CA SER B 198 -5.19 16.91 -35.39
C SER B 198 -4.12 17.92 -34.99
N GLU B 199 -4.33 18.61 -33.87
CA GLU B 199 -3.37 19.60 -33.37
C GLU B 199 -2.42 19.03 -32.33
N ARG B 200 -2.92 18.19 -31.43
CA ARG B 200 -2.10 17.50 -30.45
C ARG B 200 -2.71 16.14 -30.20
N ILE B 201 -1.87 15.11 -30.20
CA ILE B 201 -2.30 13.71 -30.26
C ILE B 201 -1.75 12.96 -29.04
N LEU B 202 -2.63 12.24 -28.36
CA LEU B 202 -2.26 11.33 -27.28
C LEU B 202 -2.43 9.92 -27.81
N ALA B 203 -1.32 9.21 -27.98
CA ALA B 203 -1.33 7.82 -28.38
C ALA B 203 -0.98 6.96 -27.17
N GLU B 204 -1.79 5.94 -26.89
CA GLU B 204 -1.57 5.08 -25.75
C GLU B 204 -1.19 3.67 -26.22
N GLY B 205 0.00 3.21 -25.82
CA GLY B 205 0.43 1.88 -26.17
C GLY B 205 -0.27 0.84 -25.32
N ALA B 206 0.03 -0.43 -25.60
CA ALA B 206 -0.55 -1.54 -24.87
C ALA B 206 0.54 -2.46 -24.34
N GLN B 207 0.18 -3.27 -23.34
CA GLN B 207 1.06 -4.29 -22.78
C GLN B 207 2.40 -3.70 -22.36
N GLY B 208 3.37 -4.55 -22.02
CA GLY B 208 4.68 -4.08 -21.56
C GLY B 208 5.83 -4.51 -22.46
N PHE B 209 6.89 -3.69 -22.44
CA PHE B 209 8.05 -3.97 -23.29
C PHE B 209 8.55 -5.41 -23.16
N SER B 210 8.73 -5.88 -21.91
CA SER B 210 9.32 -7.20 -21.71
C SER B 210 8.42 -8.34 -22.15
N LEU B 211 7.13 -8.07 -22.38
CA LEU B 211 6.25 -9.08 -22.93
C LEU B 211 6.25 -9.09 -24.45
N SER B 212 7.11 -8.27 -25.06
CA SER B 212 7.19 -8.21 -26.51
C SER B 212 7.38 -9.60 -27.11
N LEU B 213 6.72 -9.82 -28.24
CA LEU B 213 6.82 -11.09 -28.97
C LEU B 213 8.28 -11.45 -29.24
N ASN B 214 9.14 -10.45 -29.48
CA ASN B 214 10.52 -10.69 -29.89
C ASN B 214 11.54 -10.28 -28.84
N GLN B 215 11.12 -10.15 -27.58
CA GLN B 215 12.12 -10.07 -26.52
C GLN B 215 12.38 -11.49 -25.99
N GLU B 216 13.20 -11.57 -24.93
CA GLU B 216 13.85 -12.84 -24.59
C GLU B 216 12.90 -13.90 -24.04
N PHE B 217 11.70 -13.55 -23.60
CA PHE B 217 10.87 -14.53 -22.88
C PHE B 217 9.99 -15.38 -23.79
N TYR B 218 10.02 -15.16 -25.13
CA TYR B 218 9.32 -16.02 -26.06
C TYR B 218 9.57 -17.48 -25.68
N PRO B 219 8.52 -18.34 -25.68
CA PRO B 219 7.15 -18.04 -26.13
C PRO B 219 6.23 -17.50 -25.04
N TYR B 220 6.77 -17.14 -23.86
CA TYR B 220 5.93 -16.62 -22.77
C TYR B 220 5.85 -15.11 -22.89
N CYS B 221 4.99 -14.66 -23.81
CA CYS B 221 4.98 -13.29 -24.29
C CYS B 221 3.65 -13.06 -25.00
N THR B 222 3.37 -11.80 -25.31
CA THR B 222 2.21 -11.48 -26.11
C THR B 222 2.47 -11.67 -27.60
N SER B 223 1.45 -11.39 -28.42
CA SER B 223 1.51 -11.70 -29.85
C SER B 223 2.09 -10.58 -30.72
N ARG B 224 2.53 -9.48 -30.12
CA ARG B 224 3.12 -8.39 -30.89
C ARG B 224 4.32 -7.82 -30.13
N ASP B 225 5.15 -7.08 -30.82
CA ASP B 225 6.16 -6.30 -30.11
C ASP B 225 5.54 -5.12 -29.38
N CYS B 226 6.00 -4.85 -28.16
CA CYS B 226 5.46 -3.75 -27.38
C CYS B 226 6.49 -2.62 -27.30
N THR B 227 6.72 -2.00 -28.45
CA THR B 227 7.74 -0.99 -28.66
C THR B 227 7.12 0.18 -29.39
N PRO B 228 7.72 1.38 -29.27
CA PRO B 228 7.17 2.56 -29.98
C PRO B 228 7.02 2.38 -31.49
N ALA B 229 8.00 1.77 -32.16
CA ALA B 229 7.88 1.58 -33.60
C ALA B 229 6.61 0.80 -33.94
N ARG B 230 6.34 -0.27 -33.20
CA ARG B 230 5.18 -1.09 -33.56
C ARG B 230 3.87 -0.43 -33.18
N PHE B 231 3.86 0.31 -32.05
CA PHE B 231 2.66 1.04 -31.67
C PHE B 231 2.27 2.06 -32.75
N LEU B 232 3.24 2.87 -33.20
CA LEU B 232 2.94 3.86 -34.24
C LEU B 232 2.55 3.16 -35.54
N ALA B 233 3.22 2.05 -35.85
CA ALA B 233 2.85 1.26 -37.02
C ALA B 233 1.40 0.80 -36.93
N ASP B 234 0.98 0.31 -35.77
CA ASP B 234 -0.36 -0.23 -35.60
C ASP B 234 -1.44 0.85 -35.50
N MET B 235 -1.04 2.09 -35.29
CA MET B 235 -1.95 3.24 -35.29
C MET B 235 -1.86 4.03 -36.59
N GLY B 236 -1.02 3.59 -37.52
CA GLY B 236 -0.87 4.30 -38.79
C GLY B 236 -0.30 5.69 -38.66
N ILE B 237 0.49 5.95 -37.63
CA ILE B 237 1.06 7.28 -37.37
C ILE B 237 2.41 7.39 -38.06
N PRO B 238 2.61 8.33 -38.97
CA PRO B 238 3.93 8.50 -39.59
C PRO B 238 4.98 8.86 -38.56
N LEU B 239 6.17 8.30 -38.75
CA LEU B 239 7.27 8.54 -37.82
C LEU B 239 7.57 10.00 -37.53
N PRO B 240 7.54 10.94 -38.48
CA PRO B 240 7.88 12.31 -38.13
C PRO B 240 6.88 12.98 -37.21
N MET B 241 5.71 12.36 -36.95
CA MET B 241 4.74 12.97 -36.04
C MET B 241 5.09 12.75 -34.57
N LEU B 242 6.01 11.83 -34.25
CA LEU B 242 6.31 11.54 -32.85
C LEU B 242 7.00 12.72 -32.18
N ASN B 243 6.43 13.20 -31.08
CA ASN B 243 7.00 14.30 -30.32
C ASN B 243 7.74 13.82 -29.08
N LYS B 244 7.09 12.97 -28.28
CA LYS B 244 7.71 12.47 -27.06
C LYS B 244 7.14 11.09 -26.72
N VAL B 245 7.96 10.30 -26.06
CA VAL B 245 7.58 9.02 -25.52
C VAL B 245 7.57 9.12 -23.99
N ILE B 246 6.46 8.73 -23.38
CA ILE B 246 6.34 8.68 -21.92
C ILE B 246 6.37 7.22 -21.53
N GLY B 247 7.42 6.79 -20.83
CA GLY B 247 7.50 5.42 -20.34
C GLY B 247 6.98 5.30 -18.92
N THR B 248 6.34 4.18 -18.63
CA THR B 248 5.78 3.90 -17.31
C THR B 248 6.44 2.67 -16.72
N ALA B 249 6.50 2.64 -15.38
CA ALA B 249 7.15 1.57 -14.63
C ALA B 249 6.63 1.56 -13.21
N ARG B 250 6.79 0.40 -12.57
CA ARG B 250 6.46 0.27 -11.16
C ARG B 250 7.67 -0.28 -10.44
N CYS B 251 7.70 -0.06 -9.12
CA CYS B 251 8.94 -0.38 -8.40
C CYS B 251 9.14 -1.88 -8.28
N HIS B 252 8.06 -2.64 -8.09
CA HIS B 252 8.13 -4.10 -8.09
C HIS B 252 7.21 -4.62 -9.17
N PRO B 253 7.74 -4.99 -10.33
CA PRO B 253 6.88 -5.32 -11.48
C PRO B 253 6.16 -6.67 -11.33
N ILE B 254 4.96 -6.73 -11.90
CA ILE B 254 4.08 -7.90 -11.88
C ILE B 254 4.22 -8.68 -13.18
N ARG B 255 3.83 -9.95 -13.16
CA ARG B 255 3.64 -10.74 -14.38
C ARG B 255 2.34 -11.54 -14.27
N VAL B 256 1.48 -11.41 -15.25
CA VAL B 256 0.16 -12.06 -15.27
C VAL B 256 0.24 -13.52 -15.73
N GLY B 262 9.34 -16.33 -17.43
CA GLY B 262 10.54 -16.15 -16.63
C GLY B 262 10.78 -14.73 -16.18
N HIS B 263 12.04 -14.41 -15.90
CA HIS B 263 12.40 -13.09 -15.41
C HIS B 263 13.87 -12.86 -15.71
N TYR B 264 14.35 -11.64 -15.36
CA TYR B 264 15.69 -11.13 -15.60
C TYR B 264 16.63 -11.56 -14.49
N PRO B 265 17.94 -11.60 -14.75
CA PRO B 265 18.87 -12.18 -13.77
C PRO B 265 18.92 -11.45 -12.42
N ASP B 266 18.68 -10.14 -12.39
CA ASP B 266 18.78 -9.35 -11.16
C ASP B 266 17.43 -9.19 -10.47
N GLN B 267 16.51 -10.13 -10.67
CA GLN B 267 15.18 -10.04 -10.09
C GLN B 267 14.79 -11.39 -9.51
N GLU B 268 13.95 -11.35 -8.47
CA GLU B 268 13.44 -12.56 -7.84
C GLU B 268 12.00 -12.29 -7.43
N GLU B 269 11.26 -13.37 -7.19
CA GLU B 269 9.85 -13.27 -6.84
C GLU B 269 9.66 -12.63 -5.47
N ARG B 289 -0.27 -11.72 -10.60
CA ARG B 289 -0.23 -12.90 -9.76
C ARG B 289 1.15 -13.10 -9.15
N ARG B 290 2.20 -12.91 -9.96
CA ARG B 290 3.58 -12.99 -9.49
C ARG B 290 4.18 -11.60 -9.44
N VAL B 291 4.96 -11.32 -8.39
CA VAL B 291 5.57 -10.01 -8.21
C VAL B 291 7.07 -10.21 -8.07
N PHE B 292 7.84 -9.33 -8.72
CA PHE B 292 9.29 -9.42 -8.74
C PHE B 292 9.91 -8.15 -8.18
N SER B 293 11.12 -8.29 -7.65
CA SER B 293 11.93 -7.13 -7.33
C SER B 293 12.22 -6.31 -8.58
N PHE B 294 12.66 -5.07 -8.37
CA PHE B 294 13.00 -4.20 -9.49
C PHE B 294 14.24 -4.73 -10.21
N SER B 295 14.22 -4.69 -11.55
CA SER B 295 15.33 -5.19 -12.35
C SER B 295 15.99 -4.05 -13.11
N PHE B 296 17.24 -3.75 -12.76
CA PHE B 296 18.03 -2.77 -13.50
C PHE B 296 18.24 -3.21 -14.94
N ILE B 297 18.57 -4.50 -15.15
CA ILE B 297 18.75 -5.01 -16.51
C ILE B 297 17.48 -4.81 -17.33
N GLN B 298 16.32 -5.02 -16.72
CA GLN B 298 15.07 -4.85 -17.45
C GLN B 298 14.93 -3.41 -17.95
N MET B 299 15.29 -2.44 -17.10
CA MET B 299 15.16 -1.04 -17.49
C MET B 299 16.20 -0.66 -18.53
N GLN B 300 17.43 -1.20 -18.43
CA GLN B 300 18.41 -0.96 -19.48
C GLN B 300 17.90 -1.38 -20.84
N LYS B 301 17.35 -2.60 -20.94
CA LYS B 301 16.84 -3.09 -22.20
C LYS B 301 15.70 -2.22 -22.70
N ALA B 302 14.79 -1.84 -21.80
CA ALA B 302 13.65 -1.02 -22.19
C ALA B 302 14.08 0.37 -22.63
N MET B 303 15.09 0.96 -21.96
CA MET B 303 15.56 2.27 -22.38
C MET B 303 16.20 2.22 -23.76
N TRP B 304 16.97 1.17 -24.05
CA TRP B 304 17.64 1.10 -25.34
C TRP B 304 16.62 1.08 -26.48
N THR B 305 15.65 0.17 -26.40
CA THR B 305 14.72 0.04 -27.51
C THR B 305 13.66 1.14 -27.49
N CYS B 306 13.12 1.48 -26.31
CA CYS B 306 11.94 2.33 -26.27
C CYS B 306 12.28 3.82 -26.21
N GLN B 307 13.46 4.15 -25.72
CA GLN B 307 14.02 5.51 -25.67
C GLN B 307 13.02 6.57 -25.20
N PRO B 308 12.41 6.38 -24.02
CA PRO B 308 11.43 7.36 -23.54
C PRO B 308 12.10 8.69 -23.22
N ASP B 309 11.34 9.77 -23.36
CA ASP B 309 11.85 11.06 -22.97
C ASP B 309 11.53 11.39 -21.51
N GLU B 310 10.47 10.80 -20.96
CA GLU B 310 10.07 11.04 -19.59
C GLU B 310 9.47 9.75 -19.04
N VAL B 311 9.65 9.55 -17.73
CA VAL B 311 9.22 8.32 -17.07
C VAL B 311 8.24 8.65 -15.97
N PHE B 312 7.18 7.85 -15.87
CA PHE B 312 6.31 7.89 -14.70
C PHE B 312 6.53 6.60 -13.93
N LEU B 313 6.97 6.73 -12.69
CA LEU B 313 7.20 5.58 -11.82
C LEU B 313 6.04 5.52 -10.84
N ASN B 314 5.29 4.42 -10.90
CA ASN B 314 4.05 4.25 -10.14
C ASN B 314 4.22 3.17 -9.08
N PHE B 315 3.21 3.09 -8.20
CA PHE B 315 3.18 2.14 -7.08
C PHE B 315 4.30 2.39 -6.07
N CYS B 316 4.77 3.65 -6.00
CA CYS B 316 5.70 4.00 -4.93
C CYS B 316 5.06 3.77 -3.56
N ASN B 317 3.73 3.92 -3.47
CA ASN B 317 3.05 3.71 -2.20
C ASN B 317 3.09 2.26 -1.75
N TYR B 318 3.76 1.40 -2.50
CA TYR B 318 4.04 0.06 -2.04
C TYR B 318 5.41 -0.06 -1.35
N LEU B 319 6.18 1.02 -1.29
CA LEU B 319 7.56 1.01 -0.83
C LEU B 319 7.82 2.13 0.18
N SER B 320 8.92 1.99 0.93
CA SER B 320 9.47 3.09 1.70
C SER B 320 10.02 4.16 0.75
N PRO B 321 9.99 5.44 1.16
CA PRO B 321 10.70 6.49 0.41
C PRO B 321 12.18 6.17 0.20
N GLN B 325 12.79 6.15 -3.87
CA GLN B 325 13.65 7.19 -4.42
C GLN B 325 14.92 6.61 -5.04
N ASP B 326 15.42 5.50 -4.46
CA ASP B 326 16.59 4.85 -5.05
C ASP B 326 16.28 4.29 -6.43
N ILE B 327 15.06 3.82 -6.64
CA ILE B 327 14.70 3.27 -7.94
C ILE B 327 14.68 4.37 -8.98
N VAL B 328 14.29 5.59 -8.60
CA VAL B 328 14.40 6.73 -9.50
C VAL B 328 15.84 6.89 -10.00
N HIS B 329 16.79 6.85 -9.07
CA HIS B 329 18.21 6.98 -9.44
C HIS B 329 18.62 5.87 -10.40
N GLN B 330 18.23 4.62 -10.08
CA GLN B 330 18.58 3.48 -10.93
C GLN B 330 18.02 3.61 -12.33
N ILE B 331 16.78 4.09 -12.43
CA ILE B 331 16.14 4.26 -13.72
C ILE B 331 16.92 5.24 -14.58
N GLU B 332 17.40 6.32 -13.99
CA GLU B 332 18.05 7.36 -14.80
C GLU B 332 19.50 7.05 -15.21
N VAL B 333 20.29 6.30 -14.44
CA VAL B 333 21.55 5.94 -15.06
C VAL B 333 21.37 4.70 -15.92
N ALA B 334 20.29 3.95 -15.72
CA ALA B 334 19.89 3.00 -16.74
C ALA B 334 19.62 3.72 -18.06
N ALA B 335 18.86 4.83 -18.01
CA ALA B 335 18.67 5.67 -19.19
C ALA B 335 20.00 6.11 -19.79
N GLN B 336 20.88 6.73 -18.98
CA GLN B 336 22.14 7.23 -19.52
C GLN B 336 23.03 6.09 -20.00
N SER B 337 22.91 4.94 -19.40
CA SER B 337 23.72 3.81 -19.79
C SER B 337 23.40 3.32 -21.17
N ARG B 338 22.25 3.71 -21.66
CA ARG B 338 21.83 3.33 -22.97
C ARG B 338 21.52 4.49 -23.85
N TYR B 339 22.22 5.56 -23.68
CA TYR B 339 22.11 6.76 -24.55
C TYR B 339 20.70 7.36 -24.61
N CYS B 340 19.97 7.31 -23.51
CA CYS B 340 18.61 7.84 -23.43
C CYS B 340 18.57 8.98 -22.43
N ASP B 341 17.94 10.09 -22.82
CA ASP B 341 17.86 11.31 -22.03
C ASP B 341 16.70 11.32 -21.03
N ALA B 342 16.03 10.19 -20.84
CA ALA B 342 14.81 10.18 -20.04
C ALA B 342 15.06 10.72 -18.64
N GLU B 343 14.07 11.42 -18.11
CA GLU B 343 14.03 11.87 -16.72
C GLU B 343 12.84 11.23 -16.05
N VAL B 344 13.00 10.78 -14.80
CA VAL B 344 11.83 10.38 -14.03
C VAL B 344 11.10 11.64 -13.59
N LYS B 345 9.92 11.88 -14.18
CA LYS B 345 9.19 13.14 -14.01
C LYS B 345 7.95 12.99 -13.14
N TYR B 346 7.32 11.82 -13.16
CA TYR B 346 6.06 11.59 -12.48
C TYR B 346 6.22 10.44 -11.49
N LEU B 347 5.60 10.60 -10.31
CA LEU B 347 5.53 9.53 -9.32
C LEU B 347 4.08 9.28 -8.94
N GLY B 348 3.75 8.00 -8.77
CA GLY B 348 2.39 7.56 -8.48
C GLY B 348 2.27 6.93 -7.11
N PHE B 349 1.30 7.40 -6.31
CA PHE B 349 1.10 6.93 -4.94
C PHE B 349 -0.31 6.38 -4.72
N GLY B 350 -1.01 6.05 -5.81
CA GLY B 350 -2.38 5.60 -5.76
C GLY B 350 -3.01 5.60 -7.13
N PRO B 351 -4.24 5.09 -7.24
CA PRO B 351 -4.88 4.94 -8.55
C PRO B 351 -5.62 6.17 -9.06
N THR B 352 -5.51 7.32 -8.41
CA THR B 352 -6.33 8.49 -8.71
C THR B 352 -5.47 9.60 -9.30
N PHE B 353 -6.11 10.47 -10.09
CA PHE B 353 -5.51 11.72 -10.53
C PHE B 353 -4.70 12.41 -9.44
N ASN B 354 -5.27 12.54 -8.25
CA ASN B 354 -4.63 13.27 -7.17
C ASN B 354 -3.47 12.51 -6.53
N ASP B 355 -3.17 11.31 -7.01
CA ASP B 355 -2.04 10.56 -6.48
C ASP B 355 -0.79 10.67 -7.34
N VAL B 356 -0.82 11.47 -8.40
CA VAL B 356 0.33 11.69 -9.25
C VAL B 356 1.02 12.98 -8.79
N GLU B 357 2.30 12.90 -8.46
CA GLU B 357 3.09 14.04 -8.03
C GLU B 357 4.22 14.27 -9.01
N LEU B 358 4.79 15.48 -8.98
CA LEU B 358 5.94 15.80 -9.83
C LEU B 358 7.25 15.43 -9.15
PG ATP C . -1.43 -4.82 18.59
O1G ATP C . -1.35 -6.12 19.29
O2G ATP C . -1.36 -3.57 19.37
O3G ATP C . -2.63 -4.85 17.73
PB ATP C . 0.89 -3.84 17.26
O1B ATP C . 2.05 -3.65 18.02
O2B ATP C . 0.13 -2.70 16.88
O3B ATP C . -0.06 -4.95 17.77
PA ATP C . 0.84 -5.07 14.80
O1A ATP C . -0.42 -5.83 15.01
O2A ATP C . 0.75 -3.73 14.20
O3A ATP C . 1.55 -4.63 16.14
O5' ATP C . 1.96 -5.93 13.97
C5' ATP C . 2.68 -5.31 12.86
C4' ATP C . 2.86 -5.88 11.40
O4' ATP C . 2.80 -4.88 10.35
C3' ATP C . 4.29 -6.39 11.21
O3' ATP C . 4.29 -7.53 10.35
C2' ATP C . 5.10 -5.26 10.61
O2' ATP C . 6.16 -5.74 9.86
C1' ATP C . 4.07 -4.59 9.75
N9 ATP C . 4.29 -3.13 9.62
C8 ATP C . 4.32 -2.26 10.59
N7 ATP C . 4.50 -1.03 10.14
C5 ATP C . 4.58 -1.11 8.84
C6 ATP C . 4.79 -0.17 7.75
N6 ATP C . 4.93 1.12 7.98
N1 ATP C . 4.84 -0.65 6.53
C2 ATP C . 4.70 -1.93 6.29
N3 ATP C . 4.53 -2.82 7.22
C4 ATP C . 4.46 -2.49 8.50
PG ATP D . -1.66 -3.25 -19.38
O1G ATP D . -0.68 -4.42 -19.23
O2G ATP D . -1.31 -2.29 -20.49
O3G ATP D . -3.09 -3.81 -19.52
PB ATP D . -2.46 -1.18 -17.52
O1B ATP D . -1.58 -0.07 -17.11
O2B ATP D . -3.42 -0.80 -18.65
O3B ATP D . -1.66 -2.49 -17.98
PA ATP D . -3.78 -0.78 -15.10
O1A ATP D . -2.50 -0.61 -14.26
O2A ATP D . -4.35 0.49 -15.61
O3A ATP D . -3.34 -1.71 -16.31
O5' ATP D . -4.79 -1.60 -14.16
C5' ATP D . -5.67 -0.94 -13.23
C4' ATP D . -5.17 -1.10 -11.81
O4' ATP D . -3.98 -0.32 -11.63
C3' ATP D . -6.14 -0.60 -10.75
O3' ATP D . -6.97 -1.66 -10.32
C2' ATP D . -5.23 -0.08 -9.62
O2' ATP D . -5.25 -0.93 -8.47
C1' ATP D . -3.82 -0.07 -10.25
N9 ATP D . -3.11 1.19 -10.10
C8 ATP D . -2.85 2.10 -11.09
N7 ATP D . -2.09 3.11 -10.72
C5 ATP D . -1.85 2.85 -9.38
C6 ATP D . -1.07 3.52 -8.41
N6 ATP D . -0.39 4.65 -8.66
N1 ATP D . -1.02 2.99 -7.17
C2 ATP D . -1.70 1.87 -6.92
N3 ATP D . -2.45 1.15 -7.75
C4 ATP D . -2.47 1.69 -8.97
#